data_6Y8J
#
_entry.id   6Y8J
#
_cell.length_a   91.600
_cell.length_b   91.600
_cell.length_c   82.960
_cell.angle_alpha   90.000
_cell.angle_beta   90.000
_cell.angle_gamma   120.000
#
_symmetry.space_group_name_H-M   'P 63'
#
loop_
_entity.id
_entity.type
_entity.pdbx_description
1 polymer 'Carnitine monooxygenase oxygenase subunit'
2 non-polymer 'FE2/S2 (INORGANIC) CLUSTER'
3 water water
#
_entity_poly.entity_id   1
_entity_poly.type   'polypeptide(L)'
_entity_poly.pdbx_seq_one_letter_code
;MGSSHHHHHHSSGLVPRGSHMSAVEKLPEDFCANPDVAWTFPKVFYTSSQVFEHEKEAIFAKSWICVAHGSELAQPNDYI
TRKVIGENIVIIRGKDSVLRAFYNVCPHRGHELLSGSGKAKNVITCPYHAWTFKLDGSLALARNCDHVESFDKENSSMVP
LKVEEYAGFVFINMDENATCVEDQLPGFAERLNQACGVIKDLKLAARFVTETPANWKVIVDNYMECYHCGPAHPGFADSV
QVDKYWHTTHQNWTLQYGFARSSEKSFKLDPSVTDPEFHGFWTWPCTMFNVPPGSNFMTVIYEFPVDAETTLQHYDIYFT
NEELTQDQKDLIEWYRNVFRPEDLNLVESVQRGLKSRGYRGQGRIMTDKQRSGISEHGIAYFQHLVAQYHQ
;
_entity_poly.pdbx_strand_id   A
#
# COMPACT_ATOMS: atom_id res chain seq x y z
N VAL A 24 8.23 -19.94 14.44
CA VAL A 24 8.07 -21.37 14.63
C VAL A 24 7.21 -21.97 13.51
N GLU A 25 6.80 -21.13 12.55
CA GLU A 25 5.97 -21.54 11.41
C GLU A 25 6.66 -21.14 10.12
N LYS A 26 7.18 -22.13 9.39
CA LYS A 26 8.09 -21.91 8.27
C LYS A 26 7.54 -22.57 7.01
N LEU A 27 8.24 -22.36 5.90
CA LEU A 27 7.84 -22.84 4.59
C LEU A 27 9.07 -23.29 3.80
N PRO A 28 8.91 -24.27 2.91
CA PRO A 28 10.02 -24.62 2.01
C PRO A 28 10.32 -23.50 1.05
N GLU A 29 11.57 -23.49 0.57
CA GLU A 29 11.97 -22.42 -0.35
C GLU A 29 11.37 -22.61 -1.74
N ASP A 30 11.23 -23.85 -2.20
CA ASP A 30 10.57 -24.14 -3.47
C ASP A 30 9.05 -23.99 -3.39
N PHE A 31 8.54 -23.39 -2.33
CA PHE A 31 7.09 -23.24 -2.18
C PHE A 31 6.54 -22.38 -3.30
N CYS A 32 5.69 -22.97 -4.15
CA CYS A 32 5.03 -22.30 -5.27
C CYS A 32 6.02 -21.89 -6.35
N ALA A 33 7.25 -22.42 -6.33
CA ALA A 33 8.20 -22.12 -7.39
C ALA A 33 7.71 -22.67 -8.72
N ASN A 34 6.97 -23.78 -8.70
CA ASN A 34 6.36 -24.36 -9.89
C ASN A 34 4.87 -24.02 -9.89
N PRO A 35 4.44 -23.01 -10.65
CA PRO A 35 3.00 -22.65 -10.63
C PRO A 35 2.07 -23.76 -11.10
N ASP A 36 2.56 -24.72 -11.91
CA ASP A 36 1.68 -25.73 -12.49
C ASP A 36 1.15 -26.71 -11.46
N VAL A 37 1.88 -26.93 -10.36
CA VAL A 37 1.45 -27.81 -9.29
C VAL A 37 1.66 -27.10 -7.97
N ALA A 38 0.72 -26.25 -7.58
CA ALA A 38 0.91 -25.37 -6.45
C ALA A 38 -0.37 -25.26 -5.64
N TRP A 39 -0.19 -25.04 -4.34
CA TRP A 39 -1.28 -24.81 -3.41
C TRP A 39 -1.00 -23.53 -2.63
N THR A 40 -2.06 -22.84 -2.23
CA THR A 40 -1.92 -21.69 -1.34
C THR A 40 -1.24 -22.10 -0.03
N PHE A 41 -0.89 -21.08 0.76
CA PHE A 41 -0.31 -21.25 2.10
C PHE A 41 -1.12 -22.21 2.96
N PRO A 42 -0.49 -22.93 3.89
CA PRO A 42 -1.25 -23.48 5.02
C PRO A 42 -2.00 -22.36 5.74
N LYS A 43 -3.14 -22.72 6.34
CA LYS A 43 -4.08 -21.71 6.83
C LYS A 43 -3.48 -20.84 7.93
N VAL A 44 -2.49 -21.36 8.67
CA VAL A 44 -1.93 -20.60 9.78
C VAL A 44 -1.32 -19.28 9.29
N PHE A 45 -0.79 -19.25 8.07
CA PHE A 45 -0.20 -18.00 7.59
C PHE A 45 -1.24 -16.93 7.32
N TYR A 46 -2.51 -17.29 7.22
CA TYR A 46 -3.54 -16.28 7.03
C TYR A 46 -4.17 -15.82 8.34
N THR A 47 -3.92 -16.52 9.45
CA THR A 47 -4.68 -16.28 10.68
C THR A 47 -3.82 -15.99 11.90
N SER A 48 -2.55 -16.39 11.92
CA SER A 48 -1.78 -16.47 13.15
C SER A 48 -1.15 -15.11 13.50
N SER A 49 -1.34 -14.70 14.75
CA SER A 49 -0.72 -13.46 15.22
C SER A 49 0.79 -13.52 15.19
N GLN A 50 1.38 -14.71 15.27
CA GLN A 50 2.84 -14.84 15.26
C GLN A 50 3.38 -14.74 13.84
N VAL A 51 2.66 -15.27 12.86
CA VAL A 51 3.02 -15.06 11.47
C VAL A 51 2.91 -13.59 11.12
N PHE A 52 1.91 -12.90 11.67
CA PHE A 52 1.73 -11.50 11.33
C PHE A 52 2.86 -10.65 11.91
N GLU A 53 3.16 -10.80 13.20
CA GLU A 53 4.20 -9.98 13.80
C GLU A 53 5.54 -10.18 13.10
N HIS A 54 5.82 -11.41 12.63
CA HIS A 54 7.03 -11.64 11.86
C HIS A 54 7.00 -10.90 10.53
N GLU A 55 5.85 -10.93 9.84
CA GLU A 55 5.73 -10.23 8.56
C GLU A 55 5.76 -8.73 8.76
N LYS A 56 5.21 -8.26 9.88
CA LYS A 56 5.19 -6.84 10.19
C LYS A 56 6.61 -6.29 10.28
N GLU A 57 7.49 -7.02 10.95
CA GLU A 57 8.89 -6.61 11.08
C GLU A 57 9.74 -6.99 9.87
N ALA A 58 9.59 -8.19 9.33
CA ALA A 58 10.47 -8.61 8.24
C ALA A 58 10.08 -8.02 6.89
N ILE A 59 8.80 -7.72 6.67
CA ILE A 59 8.32 -7.22 5.39
C ILE A 59 7.96 -5.74 5.45
N PHE A 60 7.00 -5.38 6.29
CA PHE A 60 6.48 -4.02 6.20
C PHE A 60 7.36 -3.00 6.90
N ALA A 61 8.23 -3.41 7.83
CA ALA A 61 9.17 -2.46 8.42
C ALA A 61 10.43 -2.28 7.57
N LYS A 62 10.63 -3.09 6.53
CA LYS A 62 11.84 -3.04 5.72
C LYS A 62 11.60 -2.84 4.23
N SER A 63 10.37 -2.58 3.82
CA SER A 63 10.02 -2.46 2.41
C SER A 63 9.50 -1.06 2.14
N TRP A 64 9.61 -0.62 0.90
CA TRP A 64 8.98 0.63 0.51
C TRP A 64 7.47 0.46 0.41
N ILE A 65 6.72 1.30 1.12
CA ILE A 65 5.26 1.22 1.20
C ILE A 65 4.66 2.43 0.49
N CYS A 66 3.82 2.19 -0.50
CA CYS A 66 3.19 3.30 -1.26
C CYS A 66 2.07 3.88 -0.41
N VAL A 67 1.98 5.22 -0.31
CA VAL A 67 0.96 5.82 0.54
C VAL A 67 0.09 6.85 -0.16
N ALA A 68 0.52 7.45 -1.28
CA ALA A 68 -0.29 8.49 -1.89
C ALA A 68 0.22 8.77 -3.30
N HIS A 69 -0.63 9.43 -4.07
CA HIS A 69 -0.19 10.00 -5.33
C HIS A 69 0.45 11.37 -5.08
N GLY A 70 1.37 11.76 -5.97
CA GLY A 70 2.14 12.96 -5.71
C GLY A 70 1.32 14.24 -5.64
N SER A 71 0.14 14.26 -6.27
CA SER A 71 -0.68 15.47 -6.28
C SER A 71 -1.05 15.94 -4.88
N GLU A 72 -1.22 15.02 -3.91
CA GLU A 72 -1.61 15.42 -2.56
C GLU A 72 -0.50 16.18 -1.84
N LEU A 73 0.73 16.03 -2.30
CA LEU A 73 1.89 16.58 -1.61
C LEU A 73 2.71 17.47 -2.52
N ALA A 74 2.06 18.15 -3.46
CA ALA A 74 2.80 18.88 -4.49
C ALA A 74 3.23 20.29 -4.08
N GLN A 75 2.53 20.92 -3.11
CA GLN A 75 2.75 22.32 -2.76
C GLN A 75 3.45 22.46 -1.40
N PRO A 76 4.25 23.52 -1.19
CA PRO A 76 4.85 23.73 0.13
C PRO A 76 3.79 23.71 1.24
N ASN A 77 4.15 23.07 2.35
CA ASN A 77 3.34 22.88 3.57
C ASN A 77 2.19 21.86 3.41
N ASP A 78 2.09 21.24 2.23
CA ASP A 78 1.05 20.19 2.08
C ASP A 78 1.51 18.99 2.90
N TYR A 79 0.59 18.36 3.62
CA TYR A 79 0.87 17.17 4.39
C TYR A 79 -0.28 16.19 4.32
N ILE A 80 0.01 14.92 4.62
CA ILE A 80 -0.95 13.84 4.75
C ILE A 80 -0.54 12.98 5.94
N THR A 81 -1.48 12.20 6.45
CA THR A 81 -1.22 11.24 7.51
C THR A 81 -1.79 9.86 7.14
N ARG A 82 -1.10 8.82 7.63
CA ARG A 82 -1.40 7.46 7.24
C ARG A 82 -1.07 6.55 8.42
N LYS A 83 -1.85 5.46 8.54
CA LYS A 83 -1.63 4.45 9.55
C LYS A 83 -1.25 3.15 8.85
N VAL A 84 -0.09 2.59 9.20
CA VAL A 84 0.27 1.27 8.71
C VAL A 84 1.05 0.51 9.79
N ILE A 85 0.71 -0.78 9.96
CA ILE A 85 1.19 -1.67 11.02
C ILE A 85 1.28 -0.91 12.35
N GLY A 86 0.23 -0.14 12.65
CA GLY A 86 0.15 0.52 13.92
C GLY A 86 1.14 1.65 14.09
N GLU A 87 1.71 2.15 12.99
CA GLU A 87 2.58 3.33 12.96
C GLU A 87 1.83 4.46 12.27
N ASN A 88 1.61 5.55 13.00
CA ASN A 88 0.99 6.76 12.50
C ASN A 88 2.07 7.65 11.89
N ILE A 89 2.00 7.87 10.57
CA ILE A 89 3.06 8.52 9.79
C ILE A 89 2.56 9.86 9.27
N VAL A 90 3.45 10.85 9.22
CA VAL A 90 3.14 12.11 8.57
C VAL A 90 4.14 12.33 7.45
N ILE A 91 3.63 12.67 6.27
CA ILE A 91 4.43 13.03 5.11
C ILE A 91 4.09 14.47 4.82
N ILE A 92 5.11 15.30 4.64
CA ILE A 92 4.96 16.75 4.58
C ILE A 92 5.94 17.31 3.57
N ARG A 93 5.46 18.19 2.71
CA ARG A 93 6.30 18.95 1.81
C ARG A 93 6.80 20.21 2.54
N GLY A 94 8.12 20.28 2.75
CA GLY A 94 8.68 21.38 3.52
C GLY A 94 8.49 22.73 2.85
N LYS A 95 8.68 23.79 3.66
CA LYS A 95 8.57 25.18 3.16
C LYS A 95 9.55 25.32 1.99
N ASP A 96 10.69 24.63 2.12
CA ASP A 96 11.74 24.58 1.11
C ASP A 96 11.41 23.62 -0.04
N SER A 97 10.17 23.10 -0.14
CA SER A 97 9.72 22.18 -1.19
C SER A 97 10.35 20.78 -1.10
N VAL A 98 11.03 20.44 -0.01
CA VAL A 98 11.63 19.11 0.13
C VAL A 98 10.61 18.19 0.82
N LEU A 99 10.40 17.00 0.24
CA LEU A 99 9.41 16.07 0.80
C LEU A 99 10.02 15.24 1.91
N ARG A 100 9.35 15.20 3.06
CA ARG A 100 9.87 14.50 4.22
C ARG A 100 8.76 13.70 4.88
N ALA A 101 9.17 12.69 5.65
CA ALA A 101 8.21 11.90 6.42
C ALA A 101 8.75 11.62 7.81
N PHE A 102 7.85 11.70 8.80
CA PHE A 102 8.18 11.52 10.22
C PHE A 102 7.13 10.64 10.87
N TYR A 103 7.53 10.02 11.98
CA TYR A 103 6.54 9.46 12.90
C TYR A 103 5.75 10.58 13.54
N ASN A 104 4.42 10.44 13.50
CA ASN A 104 3.49 11.45 13.97
C ASN A 104 3.28 11.36 15.48
N VAL A 105 4.39 11.49 16.22
CA VAL A 105 4.39 11.40 17.67
C VAL A 105 5.42 12.39 18.23
N CYS A 106 5.01 13.17 19.24
CA CYS A 106 5.89 14.20 19.77
C CYS A 106 7.04 13.54 20.52
N PRO A 107 8.27 14.03 20.36
CA PRO A 107 9.41 13.40 21.05
C PRO A 107 9.47 13.68 22.55
N HIS A 108 8.67 14.62 23.04
CA HIS A 108 8.65 14.94 24.50
C HIS A 108 7.97 13.81 25.30
N ARG A 109 6.66 13.76 25.27
CA ARG A 109 5.96 12.73 26.04
C ARG A 109 4.96 11.93 25.23
N GLY A 110 4.95 12.07 23.90
CA GLY A 110 4.31 11.10 23.03
C GLY A 110 2.96 11.47 22.47
N HIS A 111 2.52 12.72 22.62
CA HIS A 111 1.30 13.14 21.96
C HIS A 111 1.48 13.09 20.45
N GLU A 112 0.37 12.83 19.74
CA GLU A 112 0.34 12.94 18.29
C GLU A 112 0.38 14.42 17.88
N LEU A 113 1.00 14.68 16.74
CA LEU A 113 1.28 16.06 16.35
C LEU A 113 0.23 16.64 15.40
N LEU A 114 -0.16 15.88 14.37
CA LEU A 114 -1.05 16.34 13.30
C LEU A 114 -2.12 15.30 12.98
N SER A 115 -3.19 15.75 12.35
CA SER A 115 -4.30 14.87 12.02
C SER A 115 -4.82 15.16 10.62
N GLY A 116 -5.36 14.11 9.98
CA GLY A 116 -5.92 14.26 8.66
C GLY A 116 -4.88 14.70 7.65
N SER A 117 -5.31 15.60 6.76
CA SER A 117 -4.45 16.09 5.68
C SER A 117 -4.76 17.57 5.47
N GLY A 118 -3.81 18.25 4.84
CA GLY A 118 -4.04 19.63 4.44
C GLY A 118 -2.73 20.40 4.35
N LYS A 119 -2.81 21.67 4.71
CA LYS A 119 -1.67 22.56 4.64
C LYS A 119 -1.25 22.88 6.07
N ALA A 120 -0.09 22.37 6.48
CA ALA A 120 0.47 22.73 7.76
C ALA A 120 0.82 24.22 7.78
N LYS A 121 1.04 24.76 8.98
CA LYS A 121 1.52 26.13 9.10
C LYS A 121 3.05 26.13 9.09
N ASN A 122 3.67 27.28 9.34
CA ASN A 122 5.13 27.37 9.19
C ASN A 122 5.85 26.57 10.27
N VAL A 123 5.17 26.27 11.38
CA VAL A 123 5.72 25.45 12.46
C VAL A 123 4.64 24.46 12.89
N ILE A 124 5.07 23.32 13.40
CA ILE A 124 4.19 22.29 13.92
C ILE A 124 4.20 22.41 15.44
N THR A 125 3.08 22.81 16.04
CA THR A 125 3.00 23.01 17.48
C THR A 125 2.27 21.84 18.14
N CYS A 126 2.97 21.13 19.04
CA CYS A 126 2.38 19.97 19.71
C CYS A 126 1.24 20.39 20.64
N PRO A 127 0.07 19.79 20.51
CA PRO A 127 -1.09 20.24 21.32
C PRO A 127 -0.93 20.05 22.83
N TYR A 128 0.13 19.39 23.31
CA TYR A 128 0.22 19.06 24.74
C TYR A 128 0.97 20.17 25.49
N HIS A 129 2.29 20.24 25.31
CA HIS A 129 3.11 21.25 25.97
C HIS A 129 3.71 22.23 24.98
N ALA A 130 3.18 22.27 23.75
CA ALA A 130 3.41 23.37 22.81
C ALA A 130 4.87 23.50 22.37
N TRP A 131 5.66 22.43 22.41
CA TRP A 131 6.91 22.44 21.68
C TRP A 131 6.62 22.70 20.21
N THR A 132 7.46 23.50 19.55
CA THR A 132 7.27 23.77 18.14
C THR A 132 8.44 23.21 17.33
N PHE A 133 8.12 22.65 16.18
CA PHE A 133 9.09 22.05 15.27
C PHE A 133 9.04 22.75 13.92
N LYS A 134 10.20 22.93 13.30
CA LYS A 134 10.22 23.31 11.89
C LYS A 134 9.63 22.19 11.04
N LEU A 135 9.26 22.53 9.79
CA LEU A 135 8.68 21.50 8.94
C LEU A 135 9.69 20.46 8.50
N ASP A 136 10.96 20.59 8.84
CA ASP A 136 11.92 19.51 8.64
C ASP A 136 12.14 18.68 9.90
N GLY A 137 11.27 18.81 10.90
CA GLY A 137 11.36 18.04 12.12
C GLY A 137 12.23 18.65 13.21
N SER A 138 13.00 19.67 12.83
CA SER A 138 13.94 20.36 13.75
C SER A 138 13.17 20.98 14.91
N LEU A 139 13.59 20.68 16.14
CA LEU A 139 12.90 21.32 17.30
C LEU A 139 13.26 22.80 17.25
N ALA A 140 12.25 23.67 17.21
CA ALA A 140 12.51 25.12 17.12
C ALA A 140 12.53 25.71 18.53
N LEU A 141 11.46 25.45 19.29
CA LEU A 141 11.28 25.99 20.63
C LEU A 141 10.67 24.91 21.51
N ALA A 142 11.36 24.56 22.58
CA ALA A 142 10.80 23.75 23.66
C ALA A 142 10.82 24.62 24.89
N ARG A 143 9.64 25.00 25.36
CA ARG A 143 9.47 25.91 26.52
C ARG A 143 10.31 25.42 27.71
N ASN A 144 11.02 26.38 28.35
CA ASN A 144 11.82 26.18 29.56
C ASN A 144 13.03 25.27 29.34
N CYS A 145 13.34 24.93 28.08
CA CYS A 145 14.37 23.92 27.81
C CYS A 145 15.74 24.36 28.31
N ASP A 146 16.09 25.64 28.21
CA ASP A 146 17.44 26.04 28.61
C ASP A 146 17.70 25.94 30.11
N HIS A 147 16.71 25.57 30.92
CA HIS A 147 16.89 25.40 32.36
C HIS A 147 16.84 23.94 32.79
N VAL A 148 16.58 23.02 31.86
CA VAL A 148 16.66 21.59 32.14
C VAL A 148 18.10 21.13 31.92
N GLU A 149 18.62 20.36 32.85
CA GLU A 149 20.00 19.88 32.76
C GLU A 149 20.15 18.82 31.68
N SER A 150 21.28 18.88 30.96
CA SER A 150 21.66 17.85 29.97
C SER A 150 20.59 17.67 28.89
N PHE A 151 20.12 18.79 28.35
CA PHE A 151 19.16 18.78 27.25
C PHE A 151 19.84 19.25 25.97
N ASP A 152 19.45 18.64 24.85
CA ASP A 152 19.94 19.05 23.53
C ASP A 152 18.74 19.21 22.61
N LYS A 153 18.70 20.36 21.92
CA LYS A 153 17.65 20.72 20.90
C LYS A 153 17.66 19.62 19.85
N GLU A 154 18.79 19.45 19.16
CA GLU A 154 19.01 18.28 18.32
C GLU A 154 19.04 17.03 19.20
N ASN A 155 18.58 15.91 18.62
CA ASN A 155 18.23 14.68 19.33
C ASN A 155 16.97 14.84 20.18
N SER A 156 16.30 16.00 20.10
CA SER A 156 14.93 16.15 20.56
C SER A 156 14.00 16.49 19.39
N SER A 157 14.40 16.10 18.18
CA SER A 157 13.64 16.35 16.97
C SER A 157 12.60 15.23 16.73
N MET A 158 11.58 15.57 15.94
CA MET A 158 10.74 14.58 15.31
C MET A 158 11.61 13.54 14.62
N VAL A 159 11.19 12.28 14.70
CA VAL A 159 11.99 11.16 14.24
C VAL A 159 11.59 10.85 12.79
N PRO A 160 12.50 10.95 11.82
CA PRO A 160 12.12 10.76 10.42
C PRO A 160 12.15 9.29 10.00
N LEU A 161 11.57 9.05 8.83
CA LEU A 161 11.83 7.83 8.08
C LEU A 161 11.97 8.20 6.61
N LYS A 162 12.47 7.25 5.81
CA LYS A 162 12.75 7.51 4.39
C LYS A 162 11.46 7.76 3.63
N VAL A 163 11.52 8.68 2.66
CA VAL A 163 10.44 8.87 1.70
C VAL A 163 11.05 9.07 0.32
N GLU A 164 10.36 8.56 -0.70
CA GLU A 164 10.81 8.69 -2.08
C GLU A 164 9.60 8.94 -2.96
N GLU A 165 9.70 9.88 -3.87
CA GLU A 165 8.75 10.00 -4.97
C GLU A 165 9.23 9.13 -6.12
N TYR A 166 8.37 8.23 -6.58
CA TYR A 166 8.77 7.27 -7.60
C TYR A 166 7.53 6.91 -8.42
N ALA A 167 7.66 6.96 -9.75
CA ALA A 167 6.56 6.63 -10.64
C ALA A 167 5.39 7.59 -10.47
N GLY A 168 5.66 8.82 -10.01
CA GLY A 168 4.60 9.76 -9.70
C GLY A 168 3.84 9.47 -8.42
N PHE A 169 4.25 8.46 -7.65
CA PHE A 169 3.64 8.15 -6.36
C PHE A 169 4.68 8.26 -5.25
N VAL A 170 4.19 8.23 -4.01
CA VAL A 170 5.00 8.52 -2.82
C VAL A 170 5.13 7.24 -2.01
N PHE A 171 6.37 6.84 -1.73
CA PHE A 171 6.70 5.62 -1.00
C PHE A 171 7.45 5.98 0.27
N ILE A 172 7.12 5.33 1.40
CA ILE A 172 7.91 5.48 2.62
C ILE A 172 8.59 4.16 2.93
N ASN A 173 9.57 4.23 3.81
CA ASN A 173 10.27 3.05 4.31
C ASN A 173 10.72 3.34 5.74
N MET A 174 10.49 2.38 6.66
CA MET A 174 10.87 2.56 8.05
C MET A 174 12.30 2.13 8.33
N ASP A 175 12.94 1.47 7.38
CA ASP A 175 14.35 1.10 7.49
C ASP A 175 15.18 2.23 6.88
N GLU A 176 16.00 2.90 7.70
CA GLU A 176 16.76 4.03 7.22
C GLU A 176 17.98 3.63 6.40
N ASN A 177 18.37 2.36 6.45
CA ASN A 177 19.43 1.84 5.59
C ASN A 177 18.90 1.34 4.26
N ALA A 178 17.61 1.49 4.02
CA ALA A 178 17.04 1.02 2.76
C ALA A 178 17.70 1.73 1.59
N THR A 179 17.82 0.99 0.49
CA THR A 179 18.07 1.60 -0.81
C THR A 179 16.71 1.95 -1.44
N CYS A 180 16.76 2.48 -2.65
CA CYS A 180 15.63 3.15 -3.26
C CYS A 180 14.54 2.16 -3.71
N VAL A 181 13.38 2.72 -4.05
CA VAL A 181 12.26 1.95 -4.56
C VAL A 181 12.67 1.12 -5.78
N GLU A 182 13.48 1.70 -6.67
CA GLU A 182 13.84 1.00 -7.90
C GLU A 182 14.52 -0.32 -7.61
N ASP A 183 15.28 -0.41 -6.53
CA ASP A 183 15.89 -1.68 -6.18
C ASP A 183 14.86 -2.69 -5.68
N GLN A 184 13.71 -2.22 -5.20
CA GLN A 184 12.61 -3.10 -4.82
C GLN A 184 11.74 -3.48 -6.00
N LEU A 185 11.49 -2.55 -6.92
CA LEU A 185 10.57 -2.73 -8.03
C LEU A 185 11.26 -2.48 -9.37
N PRO A 186 12.30 -3.25 -9.72
CA PRO A 186 13.04 -2.97 -10.96
C PRO A 186 12.14 -3.01 -12.18
N GLY A 187 12.20 -1.95 -12.99
CA GLY A 187 11.42 -1.83 -14.19
C GLY A 187 10.01 -1.29 -14.02
N PHE A 188 9.50 -1.21 -12.79
CA PHE A 188 8.10 -0.86 -12.59
C PHE A 188 7.77 0.52 -13.13
N ALA A 189 8.55 1.52 -12.75
CA ALA A 189 8.21 2.91 -13.13
C ALA A 189 8.24 3.09 -14.64
N GLU A 190 9.23 2.50 -15.30
CA GLU A 190 9.26 2.60 -16.76
C GLU A 190 8.01 1.95 -17.37
N ARG A 191 7.56 0.81 -16.83
CA ARG A 191 6.40 0.14 -17.41
C ARG A 191 5.11 0.89 -17.10
N LEU A 192 5.02 1.49 -15.91
CA LEU A 192 3.81 2.21 -15.54
C LEU A 192 3.62 3.44 -16.41
N ASN A 193 4.72 4.12 -16.74
CA ASN A 193 4.64 5.28 -17.61
C ASN A 193 4.29 4.90 -19.03
N GLN A 194 4.67 3.69 -19.45
CA GLN A 194 4.21 3.15 -20.72
C GLN A 194 2.73 2.77 -20.69
N ALA A 195 2.18 2.46 -19.51
CA ALA A 195 0.74 2.17 -19.40
C ALA A 195 -0.09 3.45 -19.37
N CYS A 196 0.36 4.46 -18.62
CA CYS A 196 -0.38 5.71 -18.46
C CYS A 196 0.59 6.89 -18.58
N GLY A 197 0.38 7.73 -19.58
CA GLY A 197 1.27 8.86 -19.83
C GLY A 197 0.92 10.15 -19.13
N VAL A 198 -0.18 10.21 -18.37
CA VAL A 198 -0.60 11.46 -17.76
C VAL A 198 -0.64 11.35 -16.24
N ILE A 199 0.24 10.52 -15.67
CA ILE A 199 0.19 10.26 -14.23
C ILE A 199 0.45 11.55 -13.44
N LYS A 200 1.37 12.39 -13.93
CA LYS A 200 1.66 13.63 -13.24
C LYS A 200 0.43 14.52 -13.16
N ASP A 201 -0.49 14.40 -14.11
CA ASP A 201 -1.67 15.26 -14.18
C ASP A 201 -2.86 14.73 -13.42
N LEU A 202 -2.73 13.61 -12.71
CA LEU A 202 -3.90 12.99 -12.09
C LEU A 202 -4.24 13.69 -10.80
N LYS A 203 -5.54 13.77 -10.52
CA LYS A 203 -6.08 14.37 -9.27
C LYS A 203 -7.03 13.36 -8.61
N LEU A 204 -6.95 13.24 -7.29
CA LEU A 204 -7.76 12.30 -6.50
C LEU A 204 -9.21 12.73 -6.55
N ALA A 205 -10.05 11.96 -7.25
CA ALA A 205 -11.45 12.30 -7.37
C ALA A 205 -12.34 11.64 -6.33
N ALA A 206 -11.88 10.56 -5.71
CA ALA A 206 -12.63 9.88 -4.66
C ALA A 206 -11.73 8.87 -3.97
N ARG A 207 -11.99 8.67 -2.69
CA ARG A 207 -11.30 7.68 -1.88
C ARG A 207 -12.34 6.91 -1.08
N PHE A 208 -12.18 5.58 -1.03
CA PHE A 208 -13.00 4.73 -0.18
C PHE A 208 -12.08 4.14 0.87
N VAL A 209 -12.41 4.38 2.13
CA VAL A 209 -11.68 3.84 3.27
C VAL A 209 -12.53 2.74 3.87
N THR A 210 -11.95 1.56 4.07
CA THR A 210 -12.66 0.42 4.63
C THR A 210 -11.68 -0.37 5.50
N GLU A 211 -12.07 -0.61 6.75
CA GLU A 211 -11.32 -1.55 7.56
C GLU A 211 -11.89 -2.94 7.29
N THR A 212 -11.04 -3.85 6.83
CA THR A 212 -11.48 -5.07 6.18
C THR A 212 -11.07 -6.25 7.03
N PRO A 213 -12.02 -7.12 7.40
CA PRO A 213 -11.70 -8.31 8.23
C PRO A 213 -11.19 -9.46 7.38
N ALA A 214 -9.97 -9.29 6.88
CA ALA A 214 -9.27 -10.27 6.06
C ALA A 214 -7.79 -9.96 6.08
N ASN A 215 -7.00 -11.02 6.13
CA ASN A 215 -5.55 -10.89 6.13
C ASN A 215 -5.08 -10.24 4.83
N TRP A 216 -3.99 -9.49 4.91
CA TRP A 216 -3.56 -8.72 3.75
C TRP A 216 -3.23 -9.65 2.58
N LYS A 217 -2.65 -10.81 2.87
CA LYS A 217 -2.36 -11.77 1.82
C LYS A 217 -3.62 -12.36 1.18
N VAL A 218 -4.78 -12.32 1.87
CA VAL A 218 -6.00 -12.79 1.22
C VAL A 218 -6.43 -11.79 0.15
N ILE A 219 -6.24 -10.50 0.42
CA ILE A 219 -6.66 -9.46 -0.49
C ILE A 219 -5.80 -9.47 -1.76
N VAL A 220 -4.51 -9.73 -1.60
CA VAL A 220 -3.61 -9.84 -2.73
C VAL A 220 -3.98 -11.05 -3.58
N ASP A 221 -4.31 -12.18 -2.93
CA ASP A 221 -4.76 -13.38 -3.65
C ASP A 221 -5.93 -13.06 -4.57
N ASN A 222 -6.93 -12.35 -4.04
CA ASN A 222 -8.11 -11.99 -4.82
C ASN A 222 -7.72 -11.17 -6.05
N TYR A 223 -6.76 -10.24 -5.89
CA TYR A 223 -6.39 -9.36 -7.00
C TYR A 223 -5.66 -10.12 -8.09
N MET A 224 -4.76 -11.04 -7.72
CA MET A 224 -3.85 -11.76 -8.59
C MET A 224 -4.54 -12.76 -9.51
N GLU A 225 -5.86 -12.84 -9.60
CA GLU A 225 -6.50 -13.89 -10.38
C GLU A 225 -7.63 -13.29 -11.19
N CYS A 226 -7.91 -13.91 -12.32
CA CYS A 226 -9.08 -13.55 -13.10
C CYS A 226 -9.92 -14.78 -13.40
N TYR A 227 -9.97 -15.69 -12.42
CA TYR A 227 -10.87 -16.84 -12.43
C TYR A 227 -12.34 -16.43 -12.28
N HIS A 228 -12.58 -15.23 -11.73
CA HIS A 228 -13.93 -14.78 -11.37
C HIS A 228 -14.36 -13.48 -12.02
N CYS A 229 -13.53 -12.85 -12.86
CA CYS A 229 -13.88 -11.59 -13.52
C CYS A 229 -15.26 -11.63 -14.18
N GLY A 230 -15.78 -12.82 -14.51
CA GLY A 230 -17.08 -12.96 -15.12
C GLY A 230 -18.15 -13.55 -14.22
N PRO A 231 -17.83 -14.65 -13.51
CA PRO A 231 -18.76 -15.19 -12.52
C PRO A 231 -18.70 -14.49 -11.16
N ALA A 232 -18.11 -13.31 -11.07
CA ALA A 232 -18.12 -12.58 -9.80
C ALA A 232 -17.95 -11.07 -9.93
N HIS A 233 -17.80 -10.55 -11.16
CA HIS A 233 -17.58 -9.11 -11.35
C HIS A 233 -18.08 -8.57 -12.68
N LYS A 244 -7.78 -12.81 -24.44
CA LYS A 244 -7.08 -11.54 -24.43
C LYS A 244 -6.82 -11.12 -22.99
N TYR A 245 -5.97 -11.91 -22.33
CA TYR A 245 -5.59 -11.66 -20.93
C TYR A 245 -4.29 -12.40 -20.66
N TRP A 246 -3.24 -11.66 -20.26
CA TRP A 246 -1.95 -12.27 -19.97
C TRP A 246 -1.38 -11.70 -18.69
N HIS A 247 -0.96 -12.59 -17.79
CA HIS A 247 -0.39 -12.23 -16.50
C HIS A 247 1.09 -12.61 -16.51
N THR A 248 1.95 -11.59 -16.52
CA THR A 248 3.40 -11.80 -16.60
C THR A 248 4.04 -11.32 -15.30
N THR A 249 4.94 -12.15 -14.77
CA THR A 249 5.65 -11.82 -13.55
C THR A 249 6.99 -11.14 -13.86
N HIS A 250 7.38 -10.23 -12.96
CA HIS A 250 8.61 -9.47 -13.07
C HIS A 250 9.38 -9.56 -11.75
N GLN A 251 10.26 -8.60 -11.47
CA GLN A 251 10.99 -8.62 -10.20
C GLN A 251 10.18 -7.89 -9.15
N ASN A 252 9.48 -8.64 -8.29
CA ASN A 252 8.64 -8.15 -7.19
C ASN A 252 7.39 -7.44 -7.68
N TRP A 253 7.01 -7.60 -8.94
CA TRP A 253 5.76 -7.03 -9.39
C TRP A 253 5.25 -7.83 -10.57
N THR A 254 3.96 -7.72 -10.83
CA THR A 254 3.36 -8.42 -11.94
C THR A 254 2.47 -7.47 -12.71
N LEU A 255 2.08 -7.89 -13.91
CA LEU A 255 1.21 -7.07 -14.73
C LEU A 255 0.18 -7.96 -15.42
N GLN A 256 -1.08 -7.57 -15.28
CA GLN A 256 -2.17 -8.19 -16.01
C GLN A 256 -2.51 -7.26 -17.17
N TYR A 257 -2.38 -7.78 -18.39
CA TYR A 257 -2.31 -6.99 -19.62
C TYR A 257 -3.16 -7.64 -20.71
N GLY A 258 -3.63 -6.82 -21.64
CA GLY A 258 -4.38 -7.35 -22.76
C GLY A 258 -5.17 -6.25 -23.45
N PHE A 259 -6.14 -6.67 -24.26
CA PHE A 259 -6.98 -5.76 -25.01
C PHE A 259 -8.44 -6.09 -24.74
N ALA A 260 -9.27 -5.04 -24.76
CA ALA A 260 -10.66 -5.15 -24.36
C ALA A 260 -11.59 -4.42 -25.31
N PRO A 276 -7.52 -1.03 -27.53
CA PRO A 276 -7.74 -0.51 -26.18
C PRO A 276 -7.14 -1.39 -25.10
N GLU A 277 -5.98 -0.97 -24.60
CA GLU A 277 -5.25 -1.74 -23.61
C GLU A 277 -5.83 -1.55 -22.22
N PHE A 278 -5.58 -2.53 -21.35
CA PHE A 278 -5.86 -2.40 -19.94
C PHE A 278 -4.71 -2.98 -19.14
N HIS A 279 -4.39 -2.37 -18.00
CA HIS A 279 -3.24 -2.79 -17.22
C HIS A 279 -3.65 -2.97 -15.77
N GLY A 280 -3.07 -3.98 -15.14
CA GLY A 280 -3.26 -4.20 -13.72
C GLY A 280 -1.94 -4.55 -13.08
N PHE A 281 -1.39 -3.62 -12.31
CA PHE A 281 -0.09 -3.79 -11.69
C PHE A 281 -0.26 -4.19 -10.23
N TRP A 282 0.33 -5.32 -9.86
CA TRP A 282 0.57 -5.61 -8.46
C TRP A 282 2.03 -5.37 -8.14
N THR A 283 2.30 -4.71 -7.01
CA THR A 283 3.67 -4.47 -6.57
C THR A 283 3.86 -4.85 -5.11
N TRP A 284 5.05 -5.37 -4.82
CA TRP A 284 5.41 -5.80 -3.48
C TRP A 284 5.49 -4.61 -2.52
N PRO A 285 4.95 -4.74 -1.29
CA PRO A 285 4.25 -5.96 -0.84
C PRO A 285 2.75 -6.02 -1.20
N CYS A 286 2.03 -4.89 -1.20
CA CYS A 286 0.61 -4.95 -1.54
C CYS A 286 0.04 -3.58 -1.89
N THR A 287 0.39 -3.09 -3.06
CA THR A 287 -0.22 -1.93 -3.67
C THR A 287 -0.52 -2.31 -5.11
N MET A 288 -1.73 -1.98 -5.55
CA MET A 288 -2.19 -2.35 -6.91
C MET A 288 -2.58 -1.09 -7.68
N PHE A 289 -2.14 -1.00 -8.94
CA PHE A 289 -2.41 0.14 -9.80
C PHE A 289 -3.20 -0.38 -10.99
N ASN A 290 -4.35 0.24 -11.26
CA ASN A 290 -5.19 -0.14 -12.39
C ASN A 290 -5.20 0.98 -13.40
N VAL A 291 -5.01 0.62 -14.67
CA VAL A 291 -5.10 1.57 -15.77
C VAL A 291 -6.16 1.03 -16.73
N PRO A 292 -7.41 1.42 -16.57
CA PRO A 292 -8.48 0.89 -17.41
C PRO A 292 -8.36 1.38 -18.84
N PRO A 293 -9.09 0.77 -19.79
CA PRO A 293 -8.98 1.19 -21.19
C PRO A 293 -9.22 2.67 -21.39
N GLY A 294 -8.56 3.23 -22.42
CA GLY A 294 -8.45 4.66 -22.59
C GLY A 294 -7.23 5.27 -21.93
N SER A 295 -6.69 4.61 -20.90
CA SER A 295 -5.42 4.94 -20.27
C SER A 295 -5.39 6.35 -19.68
N ASN A 296 -6.54 7.01 -19.54
CA ASN A 296 -6.58 8.39 -19.11
C ASN A 296 -6.86 8.56 -17.61
N PHE A 297 -7.18 7.49 -16.87
CA PHE A 297 -7.37 7.57 -15.44
C PHE A 297 -6.83 6.31 -14.76
N MET A 298 -6.70 6.39 -13.44
CA MET A 298 -6.20 5.28 -12.65
C MET A 298 -7.05 5.07 -11.40
N THR A 299 -7.06 3.82 -10.94
CA THR A 299 -7.48 3.48 -9.59
C THR A 299 -6.33 2.78 -8.92
N VAL A 300 -6.12 3.07 -7.64
CA VAL A 300 -5.04 2.48 -6.85
C VAL A 300 -5.64 1.89 -5.58
N ILE A 301 -5.21 0.68 -5.24
CA ILE A 301 -5.60 -0.01 -4.01
C ILE A 301 -4.39 -0.02 -3.10
N TYR A 302 -4.50 0.65 -1.96
CA TYR A 302 -3.47 0.63 -0.94
C TYR A 302 -3.90 -0.30 0.19
N GLU A 303 -3.00 -1.15 0.63
CA GLU A 303 -3.25 -2.07 1.72
C GLU A 303 -2.36 -1.68 2.89
N PHE A 304 -2.99 -1.25 3.99
CA PHE A 304 -2.28 -0.92 5.21
C PHE A 304 -2.68 -1.95 6.28
N PRO A 305 -1.99 -3.08 6.35
CA PRO A 305 -2.36 -4.13 7.31
C PRO A 305 -2.34 -3.62 8.75
N VAL A 306 -3.30 -4.10 9.53
CA VAL A 306 -3.44 -3.78 10.96
C VAL A 306 -3.05 -4.99 11.83
N ASP A 307 -3.65 -6.16 11.58
CA ASP A 307 -3.21 -7.38 12.27
C ASP A 307 -3.53 -8.59 11.40
N ALA A 308 -3.41 -9.78 12.00
CA ALA A 308 -3.46 -11.01 11.22
C ALA A 308 -4.76 -11.13 10.44
N GLU A 309 -5.83 -10.51 10.91
CA GLU A 309 -7.13 -10.69 10.20
C GLU A 309 -7.79 -9.35 9.86
N THR A 310 -7.01 -8.26 9.89
CA THR A 310 -7.52 -6.93 9.62
C THR A 310 -6.57 -6.18 8.71
N THR A 311 -7.13 -5.46 7.74
CA THR A 311 -6.36 -4.70 6.78
C THR A 311 -7.11 -3.40 6.52
N LEU A 312 -6.43 -2.26 6.65
CA LEU A 312 -7.01 -1.00 6.20
C LEU A 312 -6.73 -0.79 4.71
N GLN A 313 -7.79 -0.52 3.94
CA GLN A 313 -7.70 -0.32 2.50
C GLN A 313 -8.11 1.09 2.13
N HIS A 314 -7.32 1.72 1.29
CA HIS A 314 -7.69 2.91 0.55
C HIS A 314 -7.92 2.52 -0.89
N TYR A 315 -9.07 2.86 -1.44
CA TYR A 315 -9.36 2.65 -2.85
C TYR A 315 -9.49 4.05 -3.43
N ASP A 316 -8.46 4.46 -4.18
CA ASP A 316 -8.36 5.81 -4.72
C ASP A 316 -8.70 5.79 -6.20
N ILE A 317 -9.45 6.80 -6.64
CA ILE A 317 -9.84 6.97 -8.02
C ILE A 317 -9.26 8.31 -8.48
N TYR A 318 -8.40 8.29 -9.51
CA TYR A 318 -7.69 9.48 -10.00
C TYR A 318 -8.14 9.79 -11.43
N PHE A 319 -8.64 11.00 -11.64
CA PHE A 319 -8.87 11.55 -12.97
C PHE A 319 -7.99 12.78 -13.18
N THR A 320 -7.91 13.23 -14.44
CA THR A 320 -7.21 14.47 -14.77
C THR A 320 -8.10 15.69 -14.66
N ASN A 321 -9.41 15.51 -14.66
CA ASN A 321 -10.33 16.68 -14.58
C ASN A 321 -10.57 17.11 -13.13
N GLU A 322 -10.47 18.40 -12.85
CA GLU A 322 -10.81 18.94 -11.51
C GLU A 322 -12.33 18.81 -11.30
N GLU A 323 -13.11 19.16 -12.33
CA GLU A 323 -14.59 19.06 -12.30
C GLU A 323 -14.95 17.78 -13.07
N LEU A 324 -15.69 16.87 -12.44
CA LEU A 324 -15.88 15.58 -13.08
C LEU A 324 -16.99 15.62 -14.11
N THR A 325 -16.81 14.89 -15.21
CA THR A 325 -17.92 14.67 -16.10
C THR A 325 -18.94 13.73 -15.46
N GLN A 326 -20.16 13.75 -15.98
CA GLN A 326 -21.20 12.87 -15.45
C GLN A 326 -20.80 11.41 -15.57
N ASP A 327 -20.11 11.04 -16.67
CA ASP A 327 -19.57 9.69 -16.79
C ASP A 327 -18.65 9.35 -15.63
N GLN A 328 -17.85 10.32 -15.16
CA GLN A 328 -16.95 10.05 -14.04
C GLN A 328 -17.72 9.98 -12.72
N LYS A 329 -18.68 10.89 -12.52
CA LYS A 329 -19.44 10.84 -11.26
C LYS A 329 -20.24 9.55 -11.18
N ASP A 330 -20.81 9.12 -12.30
CA ASP A 330 -21.51 7.84 -12.31
C ASP A 330 -20.54 6.70 -12.07
N LEU A 331 -19.33 6.78 -12.65
CA LEU A 331 -18.38 5.68 -12.50
C LEU A 331 -17.93 5.55 -11.04
N ILE A 332 -17.77 6.68 -10.35
CA ILE A 332 -17.46 6.62 -8.92
C ILE A 332 -18.58 5.91 -8.16
N GLU A 333 -19.84 6.14 -8.55
CA GLU A 333 -20.96 5.51 -7.85
C GLU A 333 -21.00 4.01 -8.13
N TRP A 334 -20.71 3.59 -9.36
CA TRP A 334 -20.67 2.17 -9.67
C TRP A 334 -19.56 1.47 -8.89
N TYR A 335 -18.42 2.15 -8.68
CA TYR A 335 -17.34 1.56 -7.90
C TYR A 335 -17.73 1.43 -6.43
N ARG A 336 -18.40 2.44 -5.88
CA ARG A 336 -18.68 2.44 -4.45
C ARG A 336 -19.80 1.47 -4.07
N ASN A 337 -20.88 1.43 -4.86
CA ASN A 337 -22.05 0.66 -4.50
C ASN A 337 -22.06 -0.75 -5.07
N VAL A 338 -21.38 -0.98 -6.19
CA VAL A 338 -21.43 -2.30 -6.83
C VAL A 338 -20.08 -2.99 -6.68
N PHE A 339 -19.08 -2.48 -7.40
CA PHE A 339 -17.86 -3.25 -7.65
C PHE A 339 -17.14 -3.59 -6.36
N ARG A 340 -16.84 -2.59 -5.53
CA ARG A 340 -16.03 -2.79 -4.33
C ARG A 340 -16.76 -3.60 -3.26
N PRO A 341 -18.06 -3.38 -2.99
CA PRO A 341 -18.78 -4.33 -2.12
C PRO A 341 -18.63 -5.79 -2.50
N GLU A 342 -18.79 -6.13 -3.78
CA GLU A 342 -18.60 -7.52 -4.20
C GLU A 342 -17.21 -8.03 -3.83
N ASP A 343 -16.19 -7.20 -4.03
CA ASP A 343 -14.80 -7.61 -3.73
C ASP A 343 -14.58 -7.80 -2.22
N LEU A 344 -15.17 -6.94 -1.40
CA LEU A 344 -14.92 -7.01 0.04
C LEU A 344 -15.68 -8.18 0.67
N ASN A 345 -16.91 -8.44 0.21
CA ASN A 345 -17.62 -9.63 0.67
C ASN A 345 -16.82 -10.89 0.37
N LEU A 346 -16.18 -10.96 -0.81
CA LEU A 346 -15.42 -12.14 -1.20
C LEU A 346 -14.32 -12.45 -0.19
N VAL A 347 -13.45 -11.47 0.09
CA VAL A 347 -12.32 -11.72 1.00
C VAL A 347 -12.79 -11.93 2.44
N GLU A 348 -13.90 -11.30 2.83
CA GLU A 348 -14.40 -11.43 4.22
C GLU A 348 -14.91 -12.86 4.42
N SER A 349 -15.67 -13.36 3.45
CA SER A 349 -16.20 -14.72 3.55
C SER A 349 -15.07 -15.74 3.52
N VAL A 350 -14.05 -15.47 2.71
CA VAL A 350 -12.91 -16.37 2.59
C VAL A 350 -12.11 -16.43 3.89
N GLN A 351 -11.98 -15.28 4.57
CA GLN A 351 -11.26 -15.20 5.86
C GLN A 351 -11.99 -16.06 6.89
N ARG A 352 -13.32 -15.97 6.93
CA ARG A 352 -14.10 -16.83 7.84
C ARG A 352 -13.93 -18.30 7.49
N GLY A 353 -14.12 -18.65 6.21
CA GLY A 353 -14.10 -20.05 5.81
C GLY A 353 -12.77 -20.75 6.04
N LEU A 354 -11.65 -20.05 5.88
CA LEU A 354 -10.41 -20.82 5.92
C LEU A 354 -10.01 -21.22 7.35
N LYS A 355 -10.62 -20.64 8.38
CA LYS A 355 -10.38 -21.13 9.73
C LYS A 355 -11.06 -22.48 9.98
N SER A 356 -12.09 -22.81 9.22
CA SER A 356 -12.88 -24.01 9.48
C SER A 356 -12.04 -25.27 9.32
N ARG A 357 -12.17 -26.18 10.28
CA ARG A 357 -11.49 -27.46 10.17
C ARG A 357 -11.94 -28.24 8.94
N GLY A 358 -13.03 -27.82 8.30
CA GLY A 358 -13.50 -28.37 7.05
C GLY A 358 -12.79 -27.87 5.82
N TYR A 359 -12.06 -26.77 5.95
CA TYR A 359 -11.17 -26.33 4.89
C TYR A 359 -9.82 -27.03 5.12
N ARG A 360 -9.46 -27.92 4.21
CA ARG A 360 -8.37 -28.87 4.44
C ARG A 360 -7.00 -28.20 4.24
N GLY A 361 -6.65 -27.35 5.18
CA GLY A 361 -5.33 -26.73 5.21
C GLY A 361 -5.07 -25.73 4.12
N GLN A 362 -4.96 -26.20 2.88
CA GLN A 362 -4.58 -25.39 1.72
C GLN A 362 -5.65 -25.47 0.63
N GLY A 363 -5.44 -24.69 -0.42
CA GLY A 363 -6.33 -24.72 -1.57
C GLY A 363 -5.53 -24.75 -2.86
N ARG A 364 -6.12 -25.40 -3.87
CA ARG A 364 -5.44 -25.60 -5.14
C ARG A 364 -5.43 -24.34 -6.00
N ILE A 365 -4.24 -23.95 -6.46
CA ILE A 365 -4.07 -22.83 -7.39
C ILE A 365 -4.29 -23.36 -8.81
N MET A 366 -5.36 -22.90 -9.47
CA MET A 366 -5.80 -23.50 -10.73
C MET A 366 -5.03 -22.90 -11.91
N THR A 367 -3.84 -23.45 -12.14
CA THR A 367 -3.03 -23.04 -13.27
C THR A 367 -3.25 -23.97 -14.46
N ASP A 368 -3.45 -23.39 -15.64
CA ASP A 368 -3.42 -24.14 -16.90
C ASP A 368 -2.11 -23.90 -17.62
N LYS A 369 -1.71 -24.89 -18.42
CA LYS A 369 -0.42 -24.81 -19.10
C LYS A 369 -0.37 -23.61 -20.04
N GLN A 370 -1.48 -23.29 -20.69
CA GLN A 370 -1.52 -22.19 -21.64
C GLN A 370 -1.57 -20.81 -20.97
N ARG A 371 -1.75 -20.74 -19.65
CA ARG A 371 -1.74 -19.49 -18.89
C ARG A 371 -2.80 -18.51 -19.43
N SER A 372 -4.02 -19.00 -19.58
CA SER A 372 -5.15 -18.19 -20.03
C SER A 372 -5.58 -17.20 -18.94
N GLY A 373 -6.56 -16.36 -19.27
CA GLY A 373 -7.00 -15.33 -18.33
C GLY A 373 -7.52 -15.86 -17.01
N ILE A 374 -8.11 -17.06 -17.01
CA ILE A 374 -8.71 -17.63 -15.82
C ILE A 374 -7.69 -18.50 -15.09
N SER A 375 -6.43 -18.45 -15.52
CA SER A 375 -5.38 -19.14 -14.79
C SER A 375 -4.99 -18.35 -13.54
N GLU A 376 -4.84 -19.06 -12.43
CA GLU A 376 -4.51 -18.45 -11.14
C GLU A 376 -3.01 -18.38 -10.87
N HIS A 377 -2.17 -18.46 -11.91
CA HIS A 377 -0.73 -18.57 -11.69
C HIS A 377 -0.12 -17.32 -11.04
N GLY A 378 -0.77 -16.17 -11.12
CA GLY A 378 -0.26 -14.99 -10.42
C GLY A 378 -0.13 -15.22 -8.91
N ILE A 379 -1.11 -15.89 -8.31
CA ILE A 379 -1.06 -16.23 -6.89
C ILE A 379 0.20 -17.01 -6.56
N ALA A 380 0.55 -18.01 -7.35
CA ALA A 380 1.73 -18.80 -7.07
C ALA A 380 2.98 -17.92 -6.97
N TYR A 381 3.14 -16.98 -7.91
CA TYR A 381 4.31 -16.11 -7.87
C TYR A 381 4.36 -15.30 -6.58
N PHE A 382 3.22 -14.73 -6.17
CA PHE A 382 3.20 -13.90 -4.98
C PHE A 382 3.57 -14.71 -3.74
N GLN A 383 2.95 -15.90 -3.59
CA GLN A 383 3.19 -16.72 -2.41
C GLN A 383 4.62 -17.24 -2.36
N HIS A 384 5.25 -17.43 -3.51
CA HIS A 384 6.67 -17.81 -3.54
C HIS A 384 7.55 -16.71 -2.96
N LEU A 385 7.31 -15.46 -3.38
CA LEU A 385 8.06 -14.35 -2.80
C LEU A 385 7.83 -14.26 -1.29
N VAL A 386 6.59 -14.43 -0.84
CA VAL A 386 6.27 -14.39 0.59
C VAL A 386 6.97 -15.52 1.33
N ALA A 387 6.96 -16.73 0.77
CA ALA A 387 7.66 -17.85 1.39
C ALA A 387 9.10 -17.51 1.72
N GLN A 388 9.73 -16.62 0.92
CA GLN A 388 11.13 -16.28 1.12
C GLN A 388 11.39 -15.56 2.44
N TYR A 389 10.37 -14.96 3.05
CA TYR A 389 10.51 -14.33 4.36
C TYR A 389 10.15 -15.28 5.50
N HIS A 390 9.89 -16.55 5.21
CA HIS A 390 9.43 -17.54 6.18
C HIS A 390 10.27 -18.82 6.11
N GLN A 391 11.58 -18.65 5.92
CA GLN A 391 12.51 -19.81 5.82
C GLN A 391 12.99 -20.20 7.21
#